data_5Y0Z
#
_entry.id   5Y0Z
#
_cell.length_a   34.987
_cell.length_b   115.685
_cell.length_c   71.055
_cell.angle_alpha   90.00
_cell.angle_beta   89.99
_cell.angle_gamma   90.00
#
_symmetry.space_group_name_H-M   'P 1 21 1'
#
loop_
_entity.id
_entity.type
_entity.pdbx_description
1 polymer 'NAD-dependent protein deacetylase sirtuin-2'
2 non-polymer 'ZINC ION'
3 non-polymer (1~{R},9~{S})-11-[(2~{R})-3-[2,4-bis(2-methylbutan-2-yl)phenoxy]-2-oxidanyl-propyl]-7,11-diazatricyclo[7.3.1.0^{2,7}]trideca-2,4-dien-6-one
4 water water
#
_entity_poly.entity_id   1
_entity_poly.type   'polypeptide(L)'
_entity_poly.pdbx_seq_one_letter_code
;GSQKERLLDELTLEGVARYMQSERCRRVICLVGAGISTSAGIPDFRSPSTGLYDNLEKYHLPYPEAIFEISYFKKHPEPF
FALAKELYPGQFKPTICHYFMRLLKDKGLLLRCYTQNIDTLERIAGLEQEDLVEAHGTFYTSHCVSASCRHEYPLSWMKE
KIFSEVTPKCEDCQSLVKPDIVFFGESLPARFFSCMQSDFLKVDLLLVMGTSLQVQPFASLISKAPLSTPRLLINKEKAG
GGGMDFDSKKAYRDVAWLGECDQGCLALAELLGWKKELEDLVRREHASIDAQS
;
_entity_poly.pdbx_strand_id   A,B
#
# COMPACT_ATOMS: atom_id res chain seq x y z
N GLU A 5 -2.23 -46.40 7.33
CA GLU A 5 -3.36 -46.24 6.36
C GLU A 5 -2.93 -45.34 5.21
N ARG A 6 -3.40 -45.69 4.00
CA ARG A 6 -3.06 -45.00 2.76
C ARG A 6 -4.25 -44.17 2.30
N LEU A 7 -4.12 -42.84 2.32
CA LEU A 7 -5.25 -41.98 2.00
C LEU A 7 -5.11 -41.33 0.62
N LEU A 8 -3.88 -41.03 0.18
CA LEU A 8 -3.66 -40.52 -1.17
C LEU A 8 -3.53 -41.70 -2.13
N ASP A 9 -4.23 -41.61 -3.28
CA ASP A 9 -4.12 -42.64 -4.31
C ASP A 9 -2.73 -42.59 -4.94
N GLU A 10 -2.26 -41.38 -5.26
CA GLU A 10 -0.94 -41.17 -5.85
C GLU A 10 -0.25 -40.01 -5.14
N LEU A 11 1.08 -40.08 -5.06
CA LEU A 11 1.85 -39.07 -4.36
C LEU A 11 2.23 -37.95 -5.34
N THR A 12 1.20 -37.24 -5.82
CA THR A 12 1.32 -36.19 -6.80
C THR A 12 0.33 -35.08 -6.46
N LEU A 13 0.49 -33.91 -7.10
CA LEU A 13 -0.43 -32.80 -6.90
C LEU A 13 -1.85 -33.20 -7.30
N GLU A 14 -1.94 -34.00 -8.38
CA GLU A 14 -3.19 -34.54 -8.89
C GLU A 14 -3.88 -35.39 -7.82
N GLY A 15 -3.10 -36.24 -7.16
CA GLY A 15 -3.60 -37.10 -6.10
C GLY A 15 -4.10 -36.30 -4.89
N VAL A 16 -3.37 -35.23 -4.55
CA VAL A 16 -3.78 -34.36 -3.46
C VAL A 16 -5.09 -33.69 -3.84
N ALA A 17 -5.15 -33.12 -5.06
CA ALA A 17 -6.36 -32.50 -5.57
C ALA A 17 -7.54 -33.46 -5.43
N ARG A 18 -7.34 -34.70 -5.87
CA ARG A 18 -8.37 -35.73 -5.89
C ARG A 18 -8.84 -36.02 -4.47
N TYR A 19 -7.88 -36.08 -3.53
CA TYR A 19 -8.18 -36.33 -2.13
C TYR A 19 -9.03 -35.19 -1.57
N MET A 20 -8.66 -33.96 -1.95
CA MET A 20 -9.34 -32.75 -1.46
C MET A 20 -10.80 -32.75 -1.90
N GLN A 21 -11.08 -33.30 -3.09
CA GLN A 21 -12.41 -33.32 -3.67
C GLN A 21 -13.24 -34.48 -3.12
N SER A 22 -12.61 -35.41 -2.39
CA SER A 22 -13.30 -36.56 -1.84
C SER A 22 -13.96 -36.19 -0.51
N GLU A 23 -14.93 -37.01 -0.09
CA GLU A 23 -15.71 -36.75 1.12
C GLU A 23 -14.86 -36.91 2.36
N ARG A 24 -13.69 -37.54 2.20
CA ARG A 24 -12.77 -37.85 3.28
C ARG A 24 -12.08 -36.58 3.80
N CYS A 25 -11.76 -35.65 2.88
CA CYS A 25 -10.99 -34.47 3.22
C CYS A 25 -11.91 -33.31 3.58
N ARG A 26 -12.11 -33.12 4.89
CA ARG A 26 -13.02 -32.09 5.39
C ARG A 26 -12.25 -30.95 6.06
N ARG A 27 -11.16 -31.29 6.77
CA ARG A 27 -10.43 -30.33 7.59
C ARG A 27 -8.97 -30.24 7.13
N VAL A 28 -8.61 -29.10 6.55
CA VAL A 28 -7.25 -28.80 6.12
C VAL A 28 -6.61 -27.82 7.10
N ILE A 29 -5.37 -28.13 7.51
CA ILE A 29 -4.50 -27.19 8.21
C ILE A 29 -3.41 -26.70 7.26
N CYS A 30 -3.23 -25.38 7.18
CA CYS A 30 -2.08 -24.80 6.50
C CYS A 30 -1.01 -24.43 7.53
N LEU A 31 0.26 -24.75 7.20
CA LEU A 31 1.42 -24.24 7.92
C LEU A 31 2.20 -23.36 6.95
N VAL A 32 2.33 -22.07 7.28
CA VAL A 32 2.89 -21.12 6.31
C VAL A 32 4.04 -20.33 6.92
N GLY A 33 5.06 -20.08 6.08
CA GLY A 33 6.22 -19.30 6.45
C GLY A 33 6.48 -18.14 5.49
N ALA A 34 7.68 -17.55 5.61
CA ALA A 34 8.01 -16.29 4.95
C ALA A 34 7.89 -16.39 3.43
N GLY A 35 8.01 -17.61 2.90
CA GLY A 35 7.95 -17.87 1.46
C GLY A 35 6.60 -17.51 0.84
N ILE A 36 5.54 -17.41 1.65
CA ILE A 36 4.25 -17.05 1.07
C ILE A 36 4.12 -15.53 0.95
N SER A 37 5.08 -14.78 1.50
CA SER A 37 4.96 -13.33 1.53
C SER A 37 6.08 -12.63 0.75
N THR A 38 7.02 -13.41 0.19
CA THR A 38 8.15 -12.85 -0.55
C THR A 38 7.66 -12.09 -1.78
N SER A 39 6.65 -12.63 -2.47
CA SER A 39 6.12 -12.03 -3.69
C SER A 39 5.23 -10.82 -3.39
N ALA A 40 5.17 -10.43 -2.12
CA ALA A 40 4.44 -9.25 -1.70
C ALA A 40 5.41 -8.16 -1.28
N GLY A 41 6.70 -8.43 -1.49
CA GLY A 41 7.76 -7.48 -1.17
C GLY A 41 8.08 -7.45 0.33
N ILE A 42 7.60 -8.45 1.07
CA ILE A 42 8.13 -8.75 2.38
C ILE A 42 9.17 -9.85 2.17
N PRO A 43 10.49 -9.53 2.11
CA PRO A 43 11.51 -10.56 2.06
C PRO A 43 11.63 -11.34 3.38
N ASP A 44 12.24 -12.52 3.29
CA ASP A 44 12.38 -13.44 4.41
C ASP A 44 13.42 -12.92 5.41
N PHE A 45 12.95 -12.08 6.34
CA PHE A 45 13.85 -11.42 7.27
C PHE A 45 14.43 -12.41 8.27
N ARG A 46 13.73 -13.53 8.48
CA ARG A 46 14.13 -14.54 9.45
C ARG A 46 15.43 -15.21 9.04
N SER A 47 15.36 -16.07 8.02
CA SER A 47 16.43 -16.98 7.63
C SER A 47 17.74 -16.22 7.40
N PRO A 48 18.89 -16.76 7.86
CA PRO A 48 20.16 -16.03 7.86
C PRO A 48 20.62 -15.50 6.51
N SER A 49 20.26 -16.25 5.44
CA SER A 49 20.70 -16.00 4.07
C SER A 49 20.34 -14.59 3.60
N THR A 50 19.24 -14.04 4.13
CA THR A 50 18.71 -12.77 3.66
C THR A 50 19.68 -11.64 3.97
N GLY A 51 20.39 -11.75 5.10
CA GLY A 51 21.45 -10.82 5.46
C GLY A 51 20.93 -9.58 6.18
N LEU A 52 19.68 -9.63 6.66
CA LEU A 52 19.10 -8.57 7.47
C LEU A 52 20.10 -8.18 8.56
N TYR A 53 20.73 -9.19 9.16
CA TYR A 53 21.58 -9.04 10.33
C TYR A 53 22.96 -8.49 9.95
N ASP A 54 23.04 -7.78 8.81
CA ASP A 54 24.27 -7.16 8.37
C ASP A 54 24.05 -5.67 8.12
N ASN A 55 22.78 -5.30 7.89
CA ASN A 55 22.41 -3.91 7.69
C ASN A 55 22.22 -3.19 9.02
N LEU A 56 22.55 -3.89 10.12
CA LEU A 56 22.25 -3.37 11.45
C LEU A 56 23.46 -2.69 12.06
N GLU A 57 24.58 -2.68 11.32
CA GLU A 57 25.82 -2.10 11.81
C GLU A 57 25.56 -0.72 12.41
N LYS A 58 24.77 0.11 11.70
CA LYS A 58 24.57 1.51 12.07
C LYS A 58 23.84 1.66 13.40
N TYR A 59 23.25 0.57 13.92
CA TYR A 59 22.51 0.68 15.17
C TYR A 59 23.40 0.36 16.38
N HIS A 60 24.69 0.08 16.11
CA HIS A 60 25.72 -0.15 17.12
C HIS A 60 25.20 -1.03 18.26
N LEU A 61 24.63 -2.18 17.90
CA LEU A 61 24.08 -3.15 18.85
C LEU A 61 25.22 -3.93 19.48
N PRO A 62 25.04 -4.51 20.69
CA PRO A 62 26.06 -5.38 21.28
C PRO A 62 26.27 -6.66 20.47
N TYR A 63 25.22 -7.11 19.77
CA TYR A 63 25.23 -8.28 18.91
C TYR A 63 24.01 -8.16 17.99
N PRO A 64 24.02 -8.70 16.75
CA PRO A 64 22.96 -8.39 15.78
C PRO A 64 21.57 -8.77 16.26
N GLU A 65 21.47 -9.86 17.02
CA GLU A 65 20.21 -10.43 17.45
C GLU A 65 19.53 -9.55 18.50
N ALA A 66 20.28 -8.59 19.06
CA ALA A 66 19.78 -7.72 20.11
C ALA A 66 18.56 -6.92 19.63
N ILE A 67 18.50 -6.63 18.32
CA ILE A 67 17.40 -5.84 17.78
C ILE A 67 16.04 -6.54 17.99
N PHE A 68 16.05 -7.85 18.23
CA PHE A 68 14.80 -8.58 18.43
C PHE A 68 14.74 -9.19 19.83
N GLU A 69 15.66 -8.81 20.72
CA GLU A 69 15.71 -9.40 22.05
C GLU A 69 14.96 -8.49 23.02
N ILE A 70 14.05 -9.09 23.81
CA ILE A 70 13.02 -8.35 24.54
C ILE A 70 13.63 -7.41 25.58
N SER A 71 14.63 -7.89 26.33
CA SER A 71 15.25 -7.09 27.38
C SER A 71 16.01 -5.91 26.77
N TYR A 72 16.66 -6.12 25.62
CA TYR A 72 17.37 -5.05 24.95
C TYR A 72 16.38 -4.01 24.43
N PHE A 73 15.33 -4.51 23.77
CA PHE A 73 14.25 -3.69 23.23
C PHE A 73 13.69 -2.76 24.30
N LYS A 74 13.43 -3.31 25.50
CA LYS A 74 12.81 -2.51 26.56
C LYS A 74 13.72 -1.35 26.97
N LYS A 75 15.05 -1.58 26.99
CA LYS A 75 16.00 -0.55 27.40
C LYS A 75 16.28 0.40 26.23
N HIS A 76 16.41 -0.14 25.02
CA HIS A 76 16.82 0.62 23.85
C HIS A 76 15.89 0.30 22.69
N PRO A 77 14.63 0.79 22.68
CA PRO A 77 13.68 0.46 21.61
C PRO A 77 13.91 1.16 20.28
N GLU A 78 14.80 2.18 20.25
CA GLU A 78 14.91 3.05 19.09
C GLU A 78 15.36 2.29 17.84
N PRO A 79 16.38 1.40 17.88
CA PRO A 79 16.79 0.65 16.70
C PRO A 79 15.66 -0.17 16.06
N PHE A 80 14.87 -0.86 16.88
CA PHE A 80 13.79 -1.68 16.36
C PHE A 80 12.83 -0.83 15.52
N PHE A 81 12.44 0.34 16.06
CA PHE A 81 11.46 1.18 15.39
C PHE A 81 12.06 1.90 14.18
N ALA A 82 13.37 2.18 14.24
CA ALA A 82 14.06 2.75 13.09
C ALA A 82 14.07 1.74 11.95
N LEU A 83 14.34 0.46 12.29
CA LEU A 83 14.39 -0.60 11.30
C LEU A 83 13.00 -0.78 10.69
N ALA A 84 11.97 -0.75 11.53
CA ALA A 84 10.59 -0.86 11.09
C ALA A 84 10.25 0.25 10.11
N LYS A 85 10.73 1.47 10.38
CA LYS A 85 10.48 2.57 9.45
C LYS A 85 11.16 2.28 8.12
N GLU A 86 12.42 1.83 8.19
CA GLU A 86 13.26 1.55 7.03
C GLU A 86 12.55 0.60 6.08
N LEU A 87 11.96 -0.47 6.64
CA LEU A 87 11.51 -1.59 5.82
C LEU A 87 9.98 -1.60 5.66
N TYR A 88 9.29 -0.60 6.24
CA TYR A 88 7.83 -0.57 6.14
C TYR A 88 7.43 -0.60 4.67
N PRO A 89 6.55 -1.53 4.23
CA PRO A 89 6.21 -1.65 2.81
C PRO A 89 5.27 -0.53 2.37
N GLY A 90 5.32 -0.21 1.07
CA GLY A 90 4.46 0.79 0.46
C GLY A 90 2.98 0.42 0.57
N GLN A 91 2.69 -0.87 0.33
CA GLN A 91 1.34 -1.39 0.48
C GLN A 91 1.39 -2.77 1.11
N PHE A 92 0.25 -3.19 1.68
CA PHE A 92 0.06 -4.53 2.18
C PHE A 92 -0.89 -5.28 1.24
N LYS A 93 -0.31 -6.00 0.26
CA LYS A 93 -1.08 -6.73 -0.72
C LYS A 93 -0.82 -8.22 -0.58
N PRO A 94 -1.81 -9.00 -0.09
CA PRO A 94 -1.66 -10.45 0.06
C PRO A 94 -1.43 -11.11 -1.30
N THR A 95 -0.74 -12.27 -1.28
CA THR A 95 -0.35 -12.97 -2.49
C THR A 95 -1.44 -13.94 -2.92
N ILE A 96 -1.27 -14.55 -4.09
CA ILE A 96 -2.14 -15.60 -4.59
C ILE A 96 -2.27 -16.70 -3.54
N CYS A 97 -1.16 -17.01 -2.86
CA CYS A 97 -1.15 -18.05 -1.84
C CYS A 97 -2.08 -17.70 -0.67
N HIS A 98 -2.07 -16.42 -0.26
CA HIS A 98 -2.95 -15.96 0.80
C HIS A 98 -4.41 -16.15 0.40
N TYR A 99 -4.71 -15.81 -0.87
CA TYR A 99 -6.08 -15.87 -1.35
C TYR A 99 -6.51 -17.32 -1.57
N PHE A 100 -5.55 -18.21 -1.83
CA PHE A 100 -5.86 -19.64 -1.88
C PHE A 100 -6.40 -20.10 -0.53
N MET A 101 -5.81 -19.58 0.55
CA MET A 101 -6.25 -19.94 1.89
C MET A 101 -7.63 -19.33 2.17
N ARG A 102 -7.89 -18.13 1.61
CA ARG A 102 -9.20 -17.52 1.72
C ARG A 102 -10.25 -18.42 1.05
N LEU A 103 -9.88 -19.04 -0.09
CA LEU A 103 -10.80 -19.94 -0.78
C LEU A 103 -11.11 -21.14 0.12
N LEU A 104 -10.10 -21.66 0.82
CA LEU A 104 -10.27 -22.82 1.68
C LEU A 104 -11.26 -22.48 2.79
N LYS A 105 -11.15 -21.26 3.32
CA LYS A 105 -12.02 -20.78 4.38
C LYS A 105 -13.47 -20.75 3.89
N ASP A 106 -13.68 -20.13 2.72
CA ASP A 106 -15.01 -19.86 2.22
C ASP A 106 -15.69 -21.14 1.73
N LYS A 107 -14.88 -22.16 1.43
CA LYS A 107 -15.39 -23.46 1.02
C LYS A 107 -15.51 -24.39 2.23
N GLY A 108 -15.20 -23.85 3.41
CA GLY A 108 -15.38 -24.56 4.67
C GLY A 108 -14.38 -25.70 4.84
N LEU A 109 -13.21 -25.59 4.17
CA LEU A 109 -12.20 -26.64 4.22
C LEU A 109 -11.10 -26.28 5.21
N LEU A 110 -10.98 -24.99 5.56
CA LEU A 110 -9.88 -24.53 6.40
C LEU A 110 -10.22 -24.74 7.88
N LEU A 111 -9.48 -25.64 8.53
CA LEU A 111 -9.55 -25.77 9.98
C LEU A 111 -8.74 -24.65 10.63
N ARG A 112 -7.51 -24.44 10.13
CA ARG A 112 -6.62 -23.46 10.74
C ARG A 112 -5.45 -23.17 9.82
N CYS A 113 -5.01 -21.91 9.84
CA CYS A 113 -3.73 -21.50 9.29
C CYS A 113 -2.79 -21.19 10.45
N TYR A 114 -1.73 -22.00 10.58
CA TYR A 114 -0.63 -21.68 11.49
C TYR A 114 0.41 -20.91 10.70
N THR A 115 0.72 -19.67 11.14
CA THR A 115 1.66 -18.83 10.41
C THR A 115 2.84 -18.42 11.29
N GLN A 116 4.04 -18.39 10.68
CA GLN A 116 5.25 -17.85 11.27
C GLN A 116 5.36 -16.35 11.00
N ASN A 117 4.49 -15.82 10.13
CA ASN A 117 4.62 -14.46 9.61
C ASN A 117 3.92 -13.47 10.55
N ILE A 118 4.43 -12.23 10.59
CA ILE A 118 3.89 -11.18 11.44
C ILE A 118 3.30 -10.05 10.58
N ASP A 119 3.21 -10.28 9.26
CA ASP A 119 2.99 -9.21 8.29
C ASP A 119 1.51 -8.84 8.15
N THR A 120 0.62 -9.62 8.78
CA THR A 120 -0.83 -9.39 8.82
C THR A 120 -1.54 -9.77 7.52
N LEU A 121 -0.80 -10.26 6.51
CA LEU A 121 -1.39 -10.45 5.19
C LEU A 121 -2.52 -11.47 5.19
N GLU A 122 -2.48 -12.43 6.13
CA GLU A 122 -3.56 -13.41 6.23
C GLU A 122 -4.86 -12.72 6.62
N ARG A 123 -4.77 -11.78 7.57
CA ARG A 123 -5.93 -11.03 8.05
C ARG A 123 -6.47 -10.15 6.91
N ILE A 124 -5.57 -9.47 6.19
CA ILE A 124 -5.98 -8.62 5.08
C ILE A 124 -6.66 -9.46 3.99
N ALA A 125 -6.28 -10.74 3.86
CA ALA A 125 -6.84 -11.60 2.84
C ALA A 125 -8.20 -12.15 3.27
N GLY A 126 -8.58 -11.95 4.53
CA GLY A 126 -9.92 -12.29 4.98
C GLY A 126 -9.97 -13.49 5.92
N LEU A 127 -8.80 -13.97 6.35
CA LEU A 127 -8.74 -14.97 7.40
C LEU A 127 -9.01 -14.27 8.73
N GLU A 128 -9.86 -14.87 9.56
CA GLU A 128 -10.28 -14.25 10.80
C GLU A 128 -9.51 -14.86 11.96
N GLN A 129 -9.68 -14.27 13.15
CA GLN A 129 -8.93 -14.63 14.34
C GLN A 129 -9.05 -16.13 14.62
N GLU A 130 -10.28 -16.66 14.46
CA GLU A 130 -10.57 -18.06 14.73
C GLU A 130 -9.76 -18.97 13.81
N ASP A 131 -9.54 -18.52 12.57
CA ASP A 131 -8.87 -19.27 11.52
C ASP A 131 -7.37 -19.33 11.74
N LEU A 132 -6.84 -18.38 12.53
CA LEU A 132 -5.41 -18.10 12.54
C LEU A 132 -4.77 -18.51 13.87
N VAL A 133 -3.55 -19.03 13.77
CA VAL A 133 -2.65 -19.16 14.90
C VAL A 133 -1.34 -18.46 14.51
N GLU A 134 -1.14 -17.28 15.09
CA GLU A 134 0.03 -16.48 14.78
C GLU A 134 1.16 -16.88 15.73
N ALA A 135 1.96 -17.85 15.27
CA ALA A 135 2.95 -18.53 16.11
C ALA A 135 4.04 -17.57 16.59
N HIS A 136 4.30 -16.51 15.81
CA HIS A 136 5.28 -15.50 16.21
C HIS A 136 4.60 -14.16 16.49
N GLY A 137 3.28 -14.17 16.69
CA GLY A 137 2.54 -12.93 16.96
C GLY A 137 2.27 -12.12 15.71
N THR A 138 2.01 -10.82 15.87
CA THR A 138 1.57 -10.01 14.74
C THR A 138 1.86 -8.52 14.97
N PHE A 139 2.03 -7.79 13.86
CA PHE A 139 2.11 -6.33 13.91
C PHE A 139 0.72 -5.70 13.92
N TYR A 140 -0.33 -6.52 13.76
CA TYR A 140 -1.69 -6.02 13.59
C TYR A 140 -2.11 -5.18 14.79
N THR A 141 -1.74 -5.64 15.99
CA THR A 141 -2.06 -4.93 17.21
C THR A 141 -0.78 -4.69 18.01
N SER A 142 -0.83 -3.70 18.91
CA SER A 142 0.25 -3.40 19.82
C SER A 142 -0.32 -3.18 21.22
N HIS A 143 0.52 -3.38 22.23
CA HIS A 143 0.09 -3.18 23.61
C HIS A 143 1.19 -2.51 24.42
N CYS A 144 0.77 -1.57 25.28
CA CYS A 144 1.54 -1.11 26.43
C CYS A 144 2.09 -2.31 27.18
N VAL A 145 3.38 -2.25 27.55
CA VAL A 145 4.06 -3.37 28.18
C VAL A 145 3.72 -3.52 29.65
N SER A 146 3.00 -2.55 30.24
CA SER A 146 2.66 -2.64 31.67
C SER A 146 1.52 -3.63 31.89
N ALA A 147 1.74 -4.57 32.81
CA ALA A 147 0.80 -5.63 33.13
C ALA A 147 -0.48 -5.09 33.77
N SER A 148 -0.42 -3.91 34.42
CA SER A 148 -1.60 -3.33 35.04
C SER A 148 -2.34 -2.38 34.09
N CYS A 149 -1.95 -2.36 32.81
CA CYS A 149 -2.52 -1.40 31.88
C CYS A 149 -2.87 -2.08 30.56
N ARG A 150 -1.85 -2.45 29.77
CA ARG A 150 -1.98 -3.19 28.51
C ARG A 150 -2.88 -2.47 27.50
N HIS A 151 -2.93 -1.13 27.54
CA HIS A 151 -3.65 -0.35 26.54
C HIS A 151 -3.33 -0.86 25.14
N GLU A 152 -4.37 -1.08 24.31
CA GLU A 152 -4.22 -1.66 22.99
C GLU A 152 -4.14 -0.54 21.96
N TYR A 153 -3.25 -0.71 20.96
CA TYR A 153 -3.12 0.27 19.89
C TYR A 153 -3.18 -0.42 18.53
N PRO A 154 -3.95 0.13 17.57
CA PRO A 154 -4.07 -0.46 16.23
C PRO A 154 -2.82 -0.13 15.40
N LEU A 155 -2.66 -0.86 14.28
CA LEU A 155 -1.49 -0.67 13.43
C LEU A 155 -1.44 0.76 12.89
N SER A 156 -2.61 1.37 12.66
CA SER A 156 -2.66 2.74 12.16
C SER A 156 -1.94 3.69 13.11
N TRP A 157 -2.12 3.47 14.42
CA TRP A 157 -1.46 4.28 15.44
C TRP A 157 0.04 4.00 15.45
N MET A 158 0.39 2.71 15.37
CA MET A 158 1.77 2.25 15.43
C MET A 158 2.54 2.77 14.22
N LYS A 159 1.92 2.72 13.04
CA LYS A 159 2.55 3.18 11.81
C LYS A 159 2.87 4.67 11.91
N GLU A 160 1.94 5.46 12.45
CA GLU A 160 2.12 6.90 12.59
C GLU A 160 3.32 7.17 13.49
N LYS A 161 3.43 6.43 14.60
CA LYS A 161 4.54 6.57 15.53
C LYS A 161 5.85 6.18 14.83
N ILE A 162 5.79 5.13 14.01
CA ILE A 162 6.95 4.64 13.28
C ILE A 162 7.41 5.69 12.26
N PHE A 163 6.46 6.35 11.61
CA PHE A 163 6.79 7.31 10.56
C PHE A 163 7.20 8.66 11.15
N SER A 164 6.72 8.97 12.36
CA SER A 164 7.07 10.22 13.02
C SER A 164 8.39 10.08 13.80
N GLU A 165 8.92 8.86 13.89
CA GLU A 165 10.15 8.55 14.61
C GLU A 165 10.02 8.97 16.07
N VAL A 166 8.82 8.76 16.61
CA VAL A 166 8.53 8.97 18.03
C VAL A 166 8.31 7.58 18.62
N THR A 167 9.12 7.25 19.64
CA THR A 167 9.01 5.94 20.27
C THR A 167 7.59 5.77 20.78
N PRO A 168 6.86 4.69 20.41
CA PRO A 168 5.52 4.42 20.95
C PRO A 168 5.51 4.36 22.48
N LYS A 169 4.69 5.22 23.09
CA LYS A 169 4.50 5.28 24.52
C LYS A 169 3.01 5.31 24.82
N CYS A 170 2.63 4.67 25.93
CA CYS A 170 1.24 4.55 26.32
C CYS A 170 0.70 5.91 26.74
N GLU A 171 -0.44 6.30 26.17
CA GLU A 171 -1.07 7.58 26.46
C GLU A 171 -1.49 7.65 27.93
N ASP A 172 -1.62 6.49 28.58
CA ASP A 172 -2.11 6.43 29.95
C ASP A 172 -0.94 6.47 30.94
N CYS A 173 -0.04 5.50 30.84
CA CYS A 173 0.87 5.21 31.95
C CYS A 173 2.34 5.40 31.56
N GLN A 174 2.59 5.82 30.32
CA GLN A 174 3.92 6.25 29.87
C GLN A 174 4.85 5.09 29.52
N SER A 175 4.36 3.84 29.66
CA SER A 175 5.15 2.67 29.33
C SER A 175 5.36 2.58 27.82
N LEU A 176 6.39 1.82 27.43
CA LEU A 176 6.66 1.48 26.03
C LEU A 176 5.47 0.70 25.47
N VAL A 177 5.12 0.98 24.20
CA VAL A 177 4.12 0.21 23.48
C VAL A 177 4.87 -0.69 22.50
N LYS A 178 4.57 -1.99 22.54
CA LYS A 178 5.29 -3.01 21.79
C LYS A 178 4.31 -3.67 20.81
N PRO A 179 4.68 -3.86 19.51
CA PRO A 179 3.89 -4.69 18.60
C PRO A 179 3.77 -6.11 19.16
N ASP A 180 2.63 -6.76 18.90
CA ASP A 180 2.30 -8.04 19.52
C ASP A 180 3.08 -9.18 18.88
N ILE A 181 4.36 -8.94 18.58
CA ILE A 181 5.21 -9.98 18.03
C ILE A 181 5.98 -10.64 19.17
N VAL A 182 6.37 -11.91 18.94
CA VAL A 182 7.13 -12.68 19.90
C VAL A 182 8.61 -12.37 19.72
N PHE A 183 9.15 -11.53 20.61
CA PHE A 183 10.56 -11.19 20.63
C PHE A 183 11.35 -12.38 21.19
N PHE A 184 12.64 -12.44 20.83
CA PHE A 184 13.56 -13.37 21.47
C PHE A 184 13.46 -13.17 22.98
N GLY A 185 13.36 -14.29 23.72
CA GLY A 185 13.24 -14.24 25.16
C GLY A 185 11.79 -14.17 25.63
N GLU A 186 10.85 -14.11 24.70
CA GLU A 186 9.42 -14.24 25.01
C GLU A 186 8.97 -15.63 24.57
N SER A 187 7.92 -16.16 25.20
CA SER A 187 7.48 -17.50 24.87
C SER A 187 6.42 -17.46 23.76
N LEU A 188 6.24 -18.58 23.05
CA LEU A 188 5.20 -18.70 22.05
C LEU A 188 3.84 -18.46 22.70
N PRO A 189 2.82 -17.98 21.96
CA PRO A 189 1.50 -17.71 22.55
C PRO A 189 0.86 -19.00 23.05
N ALA A 190 0.13 -18.91 24.17
CA ALA A 190 -0.57 -20.06 24.75
C ALA A 190 -1.50 -20.67 23.69
N ARG A 191 -2.08 -19.81 22.86
CA ARG A 191 -2.99 -20.21 21.79
C ARG A 191 -2.36 -21.30 20.94
N PHE A 192 -1.06 -21.14 20.64
CA PHE A 192 -0.33 -22.06 19.78
C PHE A 192 -0.40 -23.49 20.33
N PHE A 193 -0.11 -23.65 21.63
CA PHE A 193 0.03 -24.98 22.19
C PHE A 193 -1.35 -25.63 22.36
N SER A 194 -2.36 -24.82 22.68
CA SER A 194 -3.70 -25.34 22.95
C SER A 194 -4.37 -25.80 21.66
N CYS A 195 -4.36 -24.93 20.63
CA CYS A 195 -4.96 -25.26 19.35
C CYS A 195 -4.30 -26.52 18.75
N MET A 196 -2.98 -26.65 18.94
CA MET A 196 -2.20 -27.72 18.34
C MET A 196 -2.81 -29.09 18.67
N GLN A 197 -2.95 -29.36 19.98
CA GLN A 197 -3.44 -30.63 20.49
C GLN A 197 -4.73 -31.02 19.76
N SER A 198 -5.73 -30.13 19.84
CA SER A 198 -7.07 -30.38 19.34
C SER A 198 -7.08 -30.49 17.82
N ASP A 199 -6.38 -29.57 17.14
CA ASP A 199 -6.37 -29.50 15.68
C ASP A 199 -5.75 -30.76 15.08
N PHE A 200 -4.64 -31.21 15.68
CA PHE A 200 -3.86 -32.28 15.08
C PHE A 200 -4.51 -33.63 15.36
N LEU A 201 -5.73 -33.61 15.91
CA LEU A 201 -6.58 -34.80 15.96
C LEU A 201 -7.44 -34.84 14.71
N LYS A 202 -8.07 -33.69 14.40
CA LYS A 202 -9.19 -33.58 13.48
C LYS A 202 -8.71 -33.39 12.04
N VAL A 203 -7.41 -33.23 11.83
CA VAL A 203 -6.89 -32.78 10.55
C VAL A 203 -6.93 -33.89 9.51
N ASP A 204 -7.39 -33.55 8.30
CA ASP A 204 -7.45 -34.50 7.19
C ASP A 204 -6.31 -34.26 6.19
N LEU A 205 -5.73 -33.05 6.17
CA LEU A 205 -4.67 -32.72 5.23
C LEU A 205 -3.81 -31.58 5.79
N LEU A 206 -2.50 -31.70 5.59
CA LEU A 206 -1.57 -30.64 5.91
C LEU A 206 -1.02 -30.02 4.63
N LEU A 207 -1.24 -28.71 4.49
CA LEU A 207 -0.71 -27.93 3.39
C LEU A 207 0.40 -27.02 3.93
N VAL A 208 1.65 -27.38 3.62
CA VAL A 208 2.84 -26.71 4.15
C VAL A 208 3.42 -25.83 3.05
N MET A 209 3.46 -24.52 3.28
CA MET A 209 3.73 -23.58 2.19
C MET A 209 4.71 -22.49 2.63
N GLY A 210 5.81 -22.36 1.89
CA GLY A 210 6.78 -21.30 2.05
C GLY A 210 7.58 -21.42 3.35
N THR A 211 7.80 -22.66 3.80
CA THR A 211 8.63 -22.93 4.96
C THR A 211 9.41 -24.21 4.70
N SER A 212 10.64 -24.25 5.20
CA SER A 212 11.60 -25.32 4.92
C SER A 212 11.46 -26.47 5.92
N LEU A 213 10.76 -26.21 7.04
CA LEU A 213 10.49 -27.18 8.09
C LEU A 213 11.78 -27.60 8.83
N GLN A 214 12.91 -26.98 8.45
CA GLN A 214 14.18 -27.23 9.11
C GLN A 214 14.18 -26.51 10.46
N VAL A 215 13.09 -25.80 10.73
CA VAL A 215 13.07 -24.70 11.68
C VAL A 215 11.76 -24.74 12.47
N GLN A 216 11.87 -24.41 13.78
CA GLN A 216 10.77 -24.47 14.73
C GLN A 216 9.79 -23.35 14.42
N PRO A 217 8.51 -23.50 14.79
CA PRO A 217 7.96 -24.63 15.54
C PRO A 217 7.31 -25.70 14.68
N PHE A 218 7.41 -25.53 13.35
CA PHE A 218 6.72 -26.39 12.39
C PHE A 218 7.41 -27.75 12.26
N ALA A 219 8.73 -27.77 12.51
CA ALA A 219 9.48 -29.03 12.47
C ALA A 219 8.80 -30.06 13.38
N SER A 220 8.47 -29.62 14.60
CA SER A 220 7.86 -30.47 15.61
C SER A 220 6.40 -30.78 15.25
N LEU A 221 5.65 -29.73 14.90
CA LEU A 221 4.22 -29.81 14.59
C LEU A 221 3.95 -30.94 13.62
N ILE A 222 4.71 -30.95 12.52
CA ILE A 222 4.52 -31.85 11.40
C ILE A 222 4.69 -33.30 11.87
N SER A 223 5.64 -33.52 12.77
CA SER A 223 6.05 -34.85 13.18
C SER A 223 5.09 -35.47 14.19
N LYS A 224 4.07 -34.73 14.62
CA LYS A 224 3.12 -35.26 15.58
C LYS A 224 1.67 -35.05 15.15
N ALA A 225 1.46 -34.90 13.83
CA ALA A 225 0.16 -35.13 13.22
C ALA A 225 -0.05 -36.64 13.12
N PRO A 226 -1.30 -37.14 12.98
CA PRO A 226 -1.54 -38.58 12.80
C PRO A 226 -0.78 -39.11 11.59
N LEU A 227 -0.31 -40.36 11.69
CA LEU A 227 0.63 -40.91 10.73
C LEU A 227 0.01 -40.98 9.33
N SER A 228 -1.32 -41.03 9.25
CA SER A 228 -1.97 -41.25 7.98
C SER A 228 -2.38 -39.95 7.30
N THR A 229 -2.18 -38.80 7.99
CA THR A 229 -2.58 -37.52 7.44
C THR A 229 -1.67 -37.17 6.26
N PRO A 230 -2.23 -37.02 5.03
CA PRO A 230 -1.43 -36.59 3.88
C PRO A 230 -0.87 -35.19 4.08
N ARG A 231 0.34 -34.97 3.53
CA ARG A 231 1.05 -33.71 3.71
C ARG A 231 1.63 -33.28 2.37
N LEU A 232 1.23 -32.07 1.93
CA LEU A 232 1.74 -31.49 0.70
C LEU A 232 2.60 -30.27 1.03
N LEU A 233 3.82 -30.25 0.49
CA LEU A 233 4.72 -29.12 0.64
C LEU A 233 4.79 -28.35 -0.67
N ILE A 234 4.55 -27.04 -0.60
CA ILE A 234 4.76 -26.12 -1.71
C ILE A 234 5.82 -25.12 -1.29
N ASN A 235 7.00 -25.22 -1.90
CA ASN A 235 8.16 -24.48 -1.46
C ASN A 235 9.21 -24.44 -2.57
N LYS A 236 10.03 -23.38 -2.58
CA LYS A 236 11.09 -23.20 -3.56
C LYS A 236 12.19 -24.23 -3.31
N GLU A 237 12.46 -24.50 -2.03
CA GLU A 237 13.50 -25.44 -1.61
C GLU A 237 12.86 -26.73 -1.10
N LYS A 238 13.69 -27.77 -0.94
CA LYS A 238 13.26 -29.03 -0.33
C LYS A 238 13.19 -28.86 1.19
N ALA A 239 12.37 -29.71 1.83
CA ALA A 239 12.13 -29.61 3.27
C ALA A 239 13.45 -29.69 4.07
N GLY A 241 13.64 -30.35 7.62
CA GLY A 241 13.31 -31.24 8.73
C GLY A 241 11.85 -31.69 8.69
N GLY A 242 11.33 -32.09 9.86
CA GLY A 242 9.94 -32.52 10.01
C GLY A 242 9.77 -34.03 9.90
N GLY A 243 10.78 -34.70 9.32
CA GLY A 243 10.77 -36.14 9.16
C GLY A 243 9.82 -36.60 8.05
N MET A 244 9.80 -35.85 6.94
CA MET A 244 8.95 -36.17 5.81
C MET A 244 9.67 -37.18 4.90
N ASP A 245 8.89 -37.93 4.11
CA ASP A 245 9.43 -38.95 3.22
C ASP A 245 8.70 -38.87 1.88
N PHE A 246 9.34 -38.20 0.93
CA PHE A 246 8.78 -38.02 -0.41
C PHE A 246 9.24 -39.15 -1.34
N ASP A 247 10.44 -39.69 -1.09
CA ASP A 247 11.27 -40.27 -2.15
C ASP A 247 11.51 -41.77 -1.96
N SER A 248 11.58 -42.25 -0.72
CA SER A 248 11.96 -43.63 -0.46
C SER A 248 10.87 -44.59 -0.95
N LYS A 249 11.19 -45.89 -0.97
CA LYS A 249 10.25 -46.89 -1.45
C LYS A 249 9.12 -47.08 -0.42
N LYS A 250 9.26 -46.41 0.73
CA LYS A 250 8.28 -46.49 1.81
C LYS A 250 7.42 -45.23 1.88
N ALA A 251 7.64 -44.28 0.96
CA ALA A 251 6.84 -43.07 0.91
C ALA A 251 5.37 -43.44 0.68
N TYR A 252 4.46 -42.83 1.46
CA TYR A 252 3.06 -43.24 1.41
C TYR A 252 2.09 -42.06 1.49
N ARG A 253 2.56 -40.85 1.83
CA ARG A 253 1.61 -39.82 2.20
C ARG A 253 2.13 -38.39 1.95
N ASP A 254 3.42 -38.26 1.61
CA ASP A 254 4.05 -36.95 1.48
C ASP A 254 4.28 -36.61 0.01
N VAL A 255 3.99 -35.35 -0.35
CA VAL A 255 4.05 -34.85 -1.72
C VAL A 255 4.74 -33.49 -1.71
N ALA A 256 5.72 -33.31 -2.61
CA ALA A 256 6.45 -32.06 -2.72
C ALA A 256 6.24 -31.44 -4.09
N TRP A 257 5.88 -30.15 -4.10
CA TRP A 257 5.87 -29.34 -5.29
C TRP A 257 6.91 -28.24 -5.15
N LEU A 258 7.92 -28.27 -6.03
CA LEU A 258 9.07 -27.36 -5.93
C LEU A 258 8.89 -26.20 -6.90
N GLY A 259 8.90 -24.98 -6.35
CA GLY A 259 8.69 -23.76 -7.10
C GLY A 259 8.08 -22.67 -6.19
N GLU A 260 7.73 -21.54 -6.79
CA GLU A 260 7.17 -20.41 -6.05
C GLU A 260 5.79 -20.79 -5.51
N CYS A 261 5.45 -20.24 -4.33
CA CYS A 261 4.21 -20.61 -3.66
C CYS A 261 2.99 -20.23 -4.48
N ASP A 262 3.02 -19.05 -5.11
CA ASP A 262 1.92 -18.57 -5.94
C ASP A 262 1.65 -19.58 -7.05
N GLN A 263 2.72 -20.00 -7.75
CA GLN A 263 2.61 -20.88 -8.92
C GLN A 263 2.08 -22.24 -8.50
N GLY A 264 2.56 -22.73 -7.35
CA GLY A 264 2.10 -23.98 -6.76
C GLY A 264 0.61 -23.92 -6.44
N CYS A 265 0.19 -22.81 -5.84
CA CYS A 265 -1.20 -22.62 -5.48
C CYS A 265 -2.08 -22.52 -6.72
N LEU A 266 -1.59 -21.83 -7.76
CA LEU A 266 -2.31 -21.73 -9.03
C LEU A 266 -2.47 -23.11 -9.66
N ALA A 267 -1.39 -23.91 -9.64
CA ALA A 267 -1.42 -25.26 -10.19
C ALA A 267 -2.43 -26.12 -9.42
N LEU A 268 -2.44 -26.01 -8.09
CA LEU A 268 -3.35 -26.81 -7.28
C LEU A 268 -4.78 -26.36 -7.53
N ALA A 269 -5.00 -25.03 -7.58
CA ALA A 269 -6.30 -24.46 -7.86
C ALA A 269 -6.85 -24.97 -9.18
N GLU A 270 -5.99 -25.05 -10.19
CA GLU A 270 -6.35 -25.48 -11.54
C GLU A 270 -7.01 -26.87 -11.48
N LEU A 271 -6.31 -27.81 -10.82
CA LEU A 271 -6.74 -29.20 -10.74
C LEU A 271 -8.05 -29.31 -9.96
N LEU A 272 -8.27 -28.39 -9.02
CA LEU A 272 -9.50 -28.37 -8.23
C LEU A 272 -10.61 -27.68 -9.01
N GLY A 273 -10.23 -27.02 -10.11
CA GLY A 273 -11.14 -26.23 -10.92
C GLY A 273 -11.48 -24.89 -10.27
N TRP A 274 -10.52 -24.33 -9.53
CA TRP A 274 -10.72 -23.09 -8.79
C TRP A 274 -9.90 -21.95 -9.37
N LYS A 275 -9.22 -22.18 -10.51
CA LYS A 275 -8.22 -21.21 -10.95
C LYS A 275 -8.86 -19.86 -11.25
N LYS A 276 -9.98 -19.87 -11.98
CA LYS A 276 -10.63 -18.63 -12.38
C LYS A 276 -11.11 -17.89 -11.14
N GLU A 277 -11.80 -18.61 -10.24
CA GLU A 277 -12.30 -18.06 -8.99
C GLU A 277 -11.15 -17.41 -8.22
N LEU A 278 -9.97 -18.05 -8.23
CA LEU A 278 -8.83 -17.57 -7.48
C LEU A 278 -8.26 -16.32 -8.14
N GLU A 279 -8.11 -16.37 -9.47
CA GLU A 279 -7.52 -15.26 -10.20
C GLU A 279 -8.42 -14.03 -10.09
N ASP A 280 -9.74 -14.27 -10.09
CA ASP A 280 -10.73 -13.21 -9.96
C ASP A 280 -10.66 -12.57 -8.58
N LEU A 281 -10.53 -13.41 -7.55
CA LEU A 281 -10.49 -12.95 -6.16
C LEU A 281 -9.24 -12.08 -5.95
N VAL A 282 -8.08 -12.53 -6.43
CA VAL A 282 -6.84 -11.78 -6.26
C VAL A 282 -7.02 -10.40 -6.89
N ARG A 283 -7.57 -10.39 -8.11
CA ARG A 283 -7.73 -9.17 -8.88
C ARG A 283 -8.66 -8.20 -8.14
N ARG A 284 -9.81 -8.72 -7.69
CA ARG A 284 -10.83 -7.94 -7.01
C ARG A 284 -10.28 -7.36 -5.70
N GLU A 285 -9.66 -8.22 -4.88
CA GLU A 285 -9.20 -7.78 -3.56
C GLU A 285 -8.03 -6.81 -3.70
N HIS A 286 -7.16 -7.03 -4.69
CA HIS A 286 -6.08 -6.10 -4.96
C HIS A 286 -6.63 -4.73 -5.38
N ALA A 287 -7.72 -4.74 -6.17
CA ALA A 287 -8.35 -3.51 -6.63
C ALA A 287 -8.97 -2.75 -5.46
N SER A 288 -9.66 -3.50 -4.58
CA SER A 288 -10.25 -2.96 -3.36
C SER A 288 -9.19 -2.25 -2.51
N ILE A 289 -8.02 -2.89 -2.35
CA ILE A 289 -6.92 -2.33 -1.57
C ILE A 289 -6.42 -1.05 -2.23
N ASP A 290 -6.33 -1.07 -3.57
CA ASP A 290 -5.87 0.08 -4.35
C ASP A 290 -6.81 1.27 -4.18
N ALA A 291 -8.11 0.98 -4.10
CA ALA A 291 -9.15 1.99 -4.00
C ALA A 291 -9.11 2.67 -2.63
N GLN A 292 -8.68 1.94 -1.60
CA GLN A 292 -8.74 2.44 -0.23
C GLN A 292 -7.36 2.85 0.26
N SER A 293 -6.32 2.58 -0.53
CA SER A 293 -4.96 2.92 -0.17
C SER A 293 -4.61 4.32 -0.69
N LYS B 4 16.23 17.72 13.52
CA LYS B 4 17.69 18.00 13.57
C LYS B 4 17.92 19.49 13.82
N GLU B 5 17.64 20.30 12.79
CA GLU B 5 17.86 21.73 12.81
C GLU B 5 16.50 22.45 12.78
N ARG B 6 16.45 23.63 13.40
CA ARG B 6 15.24 24.45 13.47
C ARG B 6 15.31 25.53 12.40
N LEU B 7 14.39 25.47 11.41
CA LEU B 7 14.45 26.40 10.29
C LEU B 7 13.32 27.42 10.33
N LEU B 8 12.13 27.03 10.80
CA LEU B 8 11.05 27.98 10.99
C LEU B 8 11.22 28.66 12.35
N ASP B 9 11.06 29.99 12.37
CA ASP B 9 11.13 30.73 13.62
C ASP B 9 9.91 30.40 14.49
N GLU B 10 8.72 30.38 13.86
CA GLU B 10 7.47 30.09 14.54
C GLU B 10 6.65 29.12 13.69
N LEU B 11 5.89 28.25 14.36
CA LEU B 11 5.10 27.24 13.68
C LEU B 11 3.73 27.82 13.34
N THR B 12 3.74 28.83 12.45
CA THR B 12 2.55 29.55 12.03
C THR B 12 2.66 29.86 10.54
N LEU B 13 1.56 30.32 9.93
CA LEU B 13 1.59 30.68 8.52
C LEU B 13 2.55 31.85 8.30
N GLU B 14 2.61 32.75 9.29
CA GLU B 14 3.49 33.91 9.28
C GLU B 14 4.95 33.46 9.28
N GLY B 15 5.25 32.42 10.07
CA GLY B 15 6.59 31.86 10.14
C GLY B 15 7.01 31.24 8.81
N VAL B 16 6.08 30.51 8.16
CA VAL B 16 6.34 29.93 6.86
C VAL B 16 6.60 31.05 5.85
N ALA B 17 5.76 32.09 5.86
CA ALA B 17 5.91 33.23 4.96
C ALA B 17 7.30 33.84 5.11
N ARG B 18 7.74 34.05 6.37
CA ARG B 18 9.04 34.64 6.68
C ARG B 18 10.15 33.77 6.13
N TYR B 19 10.01 32.44 6.30
CA TYR B 19 11.03 31.50 5.86
C TYR B 19 11.12 31.54 4.34
N MET B 20 9.96 31.64 3.68
CA MET B 20 9.87 31.64 2.23
C MET B 20 10.60 32.85 1.64
N GLN B 21 10.58 33.98 2.36
CA GLN B 21 11.18 35.23 1.92
C GLN B 21 12.66 35.33 2.33
N SER B 22 13.16 34.33 3.07
CA SER B 22 14.55 34.32 3.48
C SER B 22 15.40 33.68 2.39
N GLU B 23 16.73 33.85 2.49
CA GLU B 23 17.66 33.35 1.49
C GLU B 23 17.79 31.83 1.57
N ARG B 24 17.35 31.26 2.69
CA ARG B 24 17.43 29.84 2.98
C ARG B 24 16.50 29.03 2.07
N CYS B 25 15.29 29.55 1.84
CA CYS B 25 14.24 28.81 1.15
C CYS B 25 14.32 29.10 -0.36
N ARG B 26 14.96 28.19 -1.10
CA ARG B 26 15.17 28.38 -2.53
C ARG B 26 14.32 27.38 -3.34
N ARG B 27 14.15 26.17 -2.82
CA ARG B 27 13.53 25.05 -3.52
C ARG B 27 12.31 24.54 -2.75
N VAL B 28 11.12 24.81 -3.29
CA VAL B 28 9.85 24.39 -2.71
C VAL B 28 9.27 23.23 -3.52
N ILE B 29 8.80 22.19 -2.82
CA ILE B 29 8.04 21.11 -3.43
C ILE B 29 6.58 21.19 -2.97
N CYS B 30 5.65 21.15 -3.93
CA CYS B 30 4.24 21.01 -3.62
C CYS B 30 3.83 19.55 -3.77
N LEU B 31 3.03 19.07 -2.80
CA LEU B 31 2.32 17.80 -2.92
C LEU B 31 0.83 18.11 -2.88
N VAL B 32 0.11 17.75 -3.95
CA VAL B 32 -1.27 18.19 -4.08
C VAL B 32 -2.20 17.02 -4.40
N GLY B 33 -3.41 17.09 -3.80
CA GLY B 33 -4.45 16.11 -4.03
C GLY B 33 -5.76 16.74 -4.51
N ALA B 34 -6.84 15.95 -4.46
CA ALA B 34 -8.12 16.31 -5.07
C ALA B 34 -8.69 17.59 -4.44
N GLY B 35 -8.28 17.86 -3.19
CA GLY B 35 -8.68 19.06 -2.47
C GLY B 35 -8.36 20.36 -3.20
N ILE B 36 -7.37 20.36 -4.10
CA ILE B 36 -7.04 21.61 -4.78
C ILE B 36 -7.92 21.79 -6.02
N SER B 37 -8.75 20.78 -6.35
CA SER B 37 -9.52 20.86 -7.58
C SER B 37 -11.03 20.87 -7.33
N THR B 38 -11.46 20.70 -6.07
CA THR B 38 -12.88 20.63 -5.74
C THR B 38 -13.60 21.93 -6.07
N SER B 39 -12.95 23.07 -5.88
CA SER B 39 -13.56 24.38 -6.14
C SER B 39 -13.57 24.69 -7.64
N ALA B 40 -12.89 23.86 -8.44
CA ALA B 40 -12.98 23.92 -9.89
C ALA B 40 -14.12 23.05 -10.36
N GLY B 41 -14.92 22.58 -9.39
CA GLY B 41 -16.12 21.81 -9.66
C GLY B 41 -15.79 20.36 -10.05
N ILE B 42 -14.56 19.92 -9.76
CA ILE B 42 -14.18 18.53 -9.94
C ILE B 42 -14.22 17.86 -8.56
N PRO B 43 -15.25 17.04 -8.26
CA PRO B 43 -15.34 16.31 -7.00
C PRO B 43 -14.21 15.31 -6.78
N ASP B 44 -13.90 15.06 -5.49
CA ASP B 44 -12.88 14.11 -5.08
C ASP B 44 -13.38 12.69 -5.32
N PHE B 45 -13.21 12.22 -6.56
CA PHE B 45 -13.74 10.92 -6.96
C PHE B 45 -13.01 9.78 -6.23
N ARG B 46 -11.81 10.08 -5.71
CA ARG B 46 -10.94 9.07 -5.12
C ARG B 46 -11.48 8.60 -3.77
N SER B 47 -11.57 9.54 -2.82
CA SER B 47 -11.93 9.21 -1.45
C SER B 47 -13.30 8.54 -1.41
N PRO B 48 -13.41 7.37 -0.74
CA PRO B 48 -14.67 6.63 -0.60
C PRO B 48 -15.91 7.45 -0.19
N SER B 49 -15.70 8.54 0.55
CA SER B 49 -16.74 9.40 1.09
C SER B 49 -17.63 9.98 -0.01
N THR B 50 -17.03 10.21 -1.19
CA THR B 50 -17.72 10.89 -2.28
C THR B 50 -18.87 10.04 -2.80
N GLY B 51 -18.67 8.72 -2.79
CA GLY B 51 -19.70 7.76 -3.15
C GLY B 51 -19.81 7.54 -4.65
N LEU B 52 -18.80 7.97 -5.41
CA LEU B 52 -18.70 7.75 -6.84
C LEU B 52 -19.09 6.31 -7.15
N TYR B 53 -18.59 5.40 -6.30
CA TYR B 53 -18.63 3.96 -6.53
C TYR B 53 -20.07 3.44 -6.53
N ASP B 54 -20.99 4.18 -5.90
CA ASP B 54 -22.36 3.73 -5.70
C ASP B 54 -23.22 4.04 -6.92
N ASN B 55 -22.77 5.01 -7.73
CA ASN B 55 -23.50 5.43 -8.91
C ASN B 55 -23.16 4.53 -10.11
N LEU B 56 -22.41 3.46 -9.85
CA LEU B 56 -21.88 2.62 -10.93
C LEU B 56 -22.77 1.40 -11.13
N GLU B 57 -23.81 1.28 -10.31
CA GLU B 57 -24.73 0.15 -10.38
C GLU B 57 -25.12 -0.14 -11.82
N LYS B 58 -25.44 0.91 -12.58
CA LYS B 58 -26.01 0.77 -13.91
C LYS B 58 -25.01 0.14 -14.90
N TYR B 59 -23.73 0.09 -14.54
CA TYR B 59 -22.73 -0.47 -15.44
C TYR B 59 -22.54 -1.97 -15.18
N HIS B 60 -23.32 -2.53 -14.25
CA HIS B 60 -23.35 -3.95 -13.92
C HIS B 60 -21.95 -4.56 -13.88
N LEU B 61 -21.06 -3.96 -13.10
CA LEU B 61 -19.69 -4.41 -12.95
C LEU B 61 -19.64 -5.60 -11.99
N PRO B 62 -18.62 -6.48 -12.07
CA PRO B 62 -18.43 -7.54 -11.08
C PRO B 62 -18.22 -7.03 -9.67
N TYR B 63 -17.60 -5.85 -9.54
CA TYR B 63 -17.33 -5.18 -8.28
C TYR B 63 -17.05 -3.71 -8.63
N PRO B 64 -17.34 -2.73 -7.74
CA PRO B 64 -17.28 -1.32 -8.14
C PRO B 64 -15.92 -0.87 -8.68
N GLU B 65 -14.84 -1.44 -8.14
CA GLU B 65 -13.49 -1.01 -8.46
C GLU B 65 -13.09 -1.45 -9.87
N ALA B 66 -13.90 -2.31 -10.49
CA ALA B 66 -13.62 -2.84 -11.81
C ALA B 66 -13.55 -1.71 -12.84
N ILE B 67 -14.29 -0.62 -12.59
CA ILE B 67 -14.31 0.54 -13.48
C ILE B 67 -12.90 1.10 -13.71
N PHE B 68 -11.97 0.87 -12.76
CA PHE B 68 -10.65 1.45 -12.86
C PHE B 68 -9.55 0.38 -12.91
N GLU B 69 -9.94 -0.88 -13.08
CA GLU B 69 -8.99 -1.98 -13.09
C GLU B 69 -8.61 -2.29 -14.53
N ILE B 70 -7.30 -2.40 -14.80
CA ILE B 70 -6.74 -2.37 -16.15
C ILE B 70 -7.20 -3.56 -16.99
N SER B 71 -7.22 -4.76 -16.39
CA SER B 71 -7.58 -5.94 -17.16
C SER B 71 -9.07 -5.93 -17.50
N TYR B 72 -9.91 -5.42 -16.59
CA TYR B 72 -11.33 -5.31 -16.87
C TYR B 72 -11.57 -4.28 -17.97
N PHE B 73 -10.91 -3.12 -17.82
CA PHE B 73 -10.97 -2.03 -18.78
C PHE B 73 -10.66 -2.52 -20.19
N LYS B 74 -9.62 -3.34 -20.33
CA LYS B 74 -9.16 -3.76 -21.65
C LYS B 74 -10.19 -4.69 -22.30
N LYS B 75 -10.93 -5.45 -21.47
CA LYS B 75 -11.95 -6.36 -21.97
C LYS B 75 -13.26 -5.61 -22.19
N HIS B 76 -13.59 -4.71 -21.27
CA HIS B 76 -14.88 -4.02 -21.25
C HIS B 76 -14.66 -2.52 -21.00
N PRO B 77 -14.18 -1.76 -22.00
CA PRO B 77 -13.87 -0.33 -21.80
C PRO B 77 -15.08 0.59 -21.73
N GLU B 78 -16.26 0.09 -22.12
CA GLU B 78 -17.40 0.96 -22.37
C GLU B 78 -17.85 1.69 -21.10
N PRO B 79 -17.95 1.02 -19.92
CA PRO B 79 -18.30 1.74 -18.68
C PRO B 79 -17.40 2.91 -18.32
N PHE B 80 -16.07 2.71 -18.41
CA PHE B 80 -15.13 3.77 -18.07
C PHE B 80 -15.42 5.02 -18.90
N PHE B 81 -15.64 4.84 -20.21
CA PHE B 81 -15.84 5.95 -21.11
C PHE B 81 -17.24 6.57 -20.95
N ALA B 82 -18.23 5.75 -20.57
CA ALA B 82 -19.56 6.28 -20.29
C ALA B 82 -19.51 7.17 -19.05
N LEU B 83 -18.76 6.74 -18.04
CA LEU B 83 -18.58 7.49 -16.80
C LEU B 83 -17.87 8.81 -17.11
N ALA B 84 -16.81 8.73 -17.93
CA ALA B 84 -16.05 9.89 -18.36
C ALA B 84 -16.98 10.91 -19.04
N LYS B 85 -17.88 10.43 -19.90
CA LYS B 85 -18.81 11.32 -20.58
C LYS B 85 -19.73 11.98 -19.56
N GLU B 86 -20.23 11.17 -18.62
CA GLU B 86 -21.20 11.59 -17.63
C GLU B 86 -20.66 12.75 -16.79
N LEU B 87 -19.38 12.65 -16.39
CA LEU B 87 -18.82 13.56 -15.42
C LEU B 87 -17.90 14.60 -16.05
N TYR B 88 -17.78 14.59 -17.40
CA TYR B 88 -16.89 15.52 -18.07
C TYR B 88 -17.28 16.96 -17.72
N PRO B 89 -16.34 17.83 -17.30
CA PRO B 89 -16.71 19.18 -16.85
C PRO B 89 -16.96 20.12 -18.02
N GLY B 90 -17.87 21.09 -17.77
CA GLY B 90 -18.22 22.11 -18.75
C GLY B 90 -17.03 22.97 -19.16
N GLN B 91 -16.12 23.20 -18.22
CA GLN B 91 -14.90 23.97 -18.47
C GLN B 91 -13.77 23.43 -17.59
N PHE B 92 -12.53 23.66 -18.03
CA PHE B 92 -11.34 23.35 -17.25
C PHE B 92 -10.73 24.65 -16.74
N LYS B 93 -11.14 25.08 -15.54
CA LYS B 93 -10.66 26.33 -14.96
C LYS B 93 -9.89 26.02 -13.68
N PRO B 94 -8.54 26.21 -13.69
CA PRO B 94 -7.72 26.00 -12.50
C PRO B 94 -8.09 26.95 -11.36
N THR B 95 -7.84 26.52 -10.12
CA THR B 95 -8.25 27.26 -8.94
C THR B 95 -7.16 28.25 -8.52
N ILE B 96 -7.49 29.09 -7.54
CA ILE B 96 -6.51 29.99 -6.93
C ILE B 96 -5.28 29.20 -6.51
N CYS B 97 -5.51 27.98 -6.00
CA CYS B 97 -4.42 27.13 -5.54
C CYS B 97 -3.48 26.78 -6.68
N HIS B 98 -4.05 26.43 -7.85
CA HIS B 98 -3.23 26.15 -9.03
C HIS B 98 -2.39 27.36 -9.39
N TYR B 99 -3.01 28.55 -9.32
CA TYR B 99 -2.34 29.77 -9.75
C TYR B 99 -1.27 30.17 -8.72
N PHE B 100 -1.47 29.80 -7.45
CA PHE B 100 -0.43 30.02 -6.45
C PHE B 100 0.83 29.26 -6.84
N MET B 101 0.66 28.03 -7.33
CA MET B 101 1.79 27.24 -7.75
C MET B 101 2.45 27.84 -9.00
N ARG B 102 1.64 28.47 -9.86
CA ARG B 102 2.16 29.17 -11.04
C ARG B 102 3.05 30.33 -10.60
N LEU B 103 2.65 31.03 -9.53
CA LEU B 103 3.46 32.12 -8.98
C LEU B 103 4.81 31.57 -8.50
N LEU B 104 4.79 30.39 -7.86
CA LEU B 104 6.00 29.78 -7.33
C LEU B 104 6.97 29.48 -8.48
N LYS B 105 6.41 29.04 -9.62
CA LYS B 105 7.20 28.73 -10.79
C LYS B 105 7.87 29.99 -11.31
N ASP B 106 7.06 31.04 -11.50
CA ASP B 106 7.48 32.28 -12.13
C ASP B 106 8.42 33.07 -11.22
N LYS B 107 8.39 32.77 -9.91
CA LYS B 107 9.29 33.40 -8.97
C LYS B 107 10.52 32.53 -8.74
N GLY B 108 10.60 31.43 -9.49
CA GLY B 108 11.75 30.54 -9.45
C GLY B 108 11.87 29.78 -8.14
N LEU B 109 10.73 29.61 -7.44
CA LEU B 109 10.73 28.94 -6.14
C LEU B 109 10.28 27.48 -6.26
N LEU B 110 9.61 27.13 -7.36
CA LEU B 110 9.04 25.80 -7.48
C LEU B 110 10.07 24.80 -8.02
N LEU B 111 10.45 23.84 -7.18
CA LEU B 111 11.26 22.72 -7.64
C LEU B 111 10.39 21.72 -8.40
N ARG B 112 9.25 21.35 -7.79
CA ARG B 112 8.39 20.34 -8.39
C ARG B 112 7.01 20.38 -7.74
N CYS B 113 5.98 20.08 -8.54
CA CYS B 113 4.66 19.78 -8.04
C CYS B 113 4.40 18.29 -8.25
N TYR B 114 4.25 17.55 -7.15
CA TYR B 114 3.80 16.17 -7.22
C TYR B 114 2.29 16.18 -7.07
N THR B 115 1.58 15.65 -8.07
CA THR B 115 0.12 15.68 -8.04
C THR B 115 -0.47 14.29 -8.12
N GLN B 116 -1.55 14.06 -7.37
CA GLN B 116 -2.34 12.85 -7.44
C GLN B 116 -3.49 13.00 -8.44
N ASN B 117 -3.69 14.23 -8.94
CA ASN B 117 -4.82 14.57 -9.78
C ASN B 117 -4.51 14.26 -11.25
N ILE B 118 -5.56 13.95 -12.01
CA ILE B 118 -5.42 13.61 -13.42
C ILE B 118 -6.14 14.65 -14.29
N ASP B 119 -6.59 15.75 -13.67
CA ASP B 119 -7.55 16.66 -14.29
C ASP B 119 -6.88 17.67 -15.22
N THR B 120 -5.53 17.69 -15.26
CA THR B 120 -4.73 18.52 -16.15
C THR B 120 -4.66 19.98 -15.72
N LEU B 121 -5.31 20.34 -14.59
CA LEU B 121 -5.46 21.76 -14.25
C LEU B 121 -4.11 22.42 -13.97
N GLU B 122 -3.13 21.63 -13.51
CA GLU B 122 -1.79 22.16 -13.27
C GLU B 122 -1.18 22.64 -14.59
N ARG B 123 -1.38 21.87 -15.67
CA ARG B 123 -0.85 22.19 -16.98
C ARG B 123 -1.54 23.43 -17.54
N ILE B 124 -2.86 23.48 -17.39
CA ILE B 124 -3.64 24.61 -17.88
C ILE B 124 -3.23 25.89 -17.13
N ALA B 125 -2.77 25.73 -15.87
CA ALA B 125 -2.38 26.88 -15.06
C ALA B 125 -0.98 27.37 -15.42
N GLY B 126 -0.24 26.59 -16.22
CA GLY B 126 1.04 27.06 -16.74
C GLY B 126 2.24 26.32 -16.18
N LEU B 127 1.99 25.26 -15.39
CA LEU B 127 3.06 24.39 -14.96
C LEU B 127 3.43 23.48 -16.13
N GLU B 128 4.74 23.37 -16.39
CA GLU B 128 5.24 22.64 -17.53
C GLU B 128 5.65 21.24 -17.09
N GLN B 129 5.95 20.38 -18.07
CA GLN B 129 6.21 18.97 -17.84
C GLN B 129 7.36 18.80 -16.84
N GLU B 130 8.39 19.65 -16.97
CA GLU B 130 9.55 19.63 -16.10
C GLU B 130 9.15 19.84 -14.64
N ASP B 131 8.11 20.67 -14.44
CA ASP B 131 7.66 21.10 -13.13
C ASP B 131 6.82 20.03 -12.45
N LEU B 132 6.29 19.09 -13.23
CA LEU B 132 5.21 18.23 -12.77
C LEU B 132 5.67 16.79 -12.63
N VAL B 133 5.16 16.13 -11.58
CA VAL B 133 5.20 14.69 -11.46
C VAL B 133 3.76 14.23 -11.24
N GLU B 134 3.17 13.67 -12.30
CA GLU B 134 1.80 13.21 -12.26
C GLU B 134 1.80 11.78 -11.74
N ALA B 135 1.64 11.65 -10.41
CA ALA B 135 1.81 10.38 -9.71
C ALA B 135 0.76 9.35 -10.14
N HIS B 136 -0.43 9.82 -10.56
CA HIS B 136 -1.45 8.91 -11.06
C HIS B 136 -1.70 9.11 -12.56
N GLY B 137 -0.74 9.75 -13.25
CA GLY B 137 -0.87 9.96 -14.68
C GLY B 137 -1.80 11.12 -15.03
N THR B 138 -2.30 11.15 -16.27
CA THR B 138 -3.04 12.32 -16.72
C THR B 138 -4.04 11.96 -17.84
N PHE B 139 -5.12 12.75 -17.92
CA PHE B 139 -6.02 12.70 -19.06
C PHE B 139 -5.50 13.52 -20.23
N TYR B 140 -4.41 14.28 -20.01
CA TYR B 140 -3.91 15.24 -20.98
C TYR B 140 -3.55 14.55 -22.28
N THR B 141 -2.95 13.35 -22.18
CA THR B 141 -2.62 12.56 -23.36
C THR B 141 -3.21 11.16 -23.21
N SER B 142 -3.32 10.46 -24.36
CA SER B 142 -3.78 9.08 -24.44
C SER B 142 -2.89 8.34 -25.41
N HIS B 143 -2.81 7.02 -25.23
CA HIS B 143 -1.99 6.18 -26.10
C HIS B 143 -2.72 4.87 -26.40
N CYS B 144 -2.60 4.45 -27.66
CA CYS B 144 -2.84 3.09 -28.11
C CYS B 144 -2.11 2.13 -27.16
N VAL B 145 -2.78 1.04 -26.77
CA VAL B 145 -2.26 0.13 -25.74
C VAL B 145 -1.23 -0.85 -26.31
N SER B 146 -1.07 -0.90 -27.65
CA SER B 146 -0.12 -1.82 -28.25
C SER B 146 1.31 -1.31 -28.10
N ALA B 147 2.18 -2.17 -27.54
CA ALA B 147 3.58 -1.84 -27.27
C ALA B 147 4.36 -1.58 -28.55
N SER B 148 3.91 -2.13 -29.70
CA SER B 148 4.63 -1.92 -30.95
C SER B 148 4.07 -0.73 -31.73
N CYS B 149 3.20 0.06 -31.11
CA CYS B 149 2.52 1.16 -31.80
C CYS B 149 2.55 2.43 -30.95
N ARG B 150 1.76 2.43 -29.86
CA ARG B 150 1.68 3.52 -28.88
C ARG B 150 1.36 4.88 -29.52
N HIS B 151 0.59 4.87 -30.61
CA HIS B 151 0.11 6.11 -31.20
C HIS B 151 -0.47 7.03 -30.12
N GLU B 152 -0.07 8.30 -30.14
CA GLU B 152 -0.46 9.28 -29.12
C GLU B 152 -1.68 10.07 -29.61
N TYR B 153 -2.62 10.33 -28.69
CA TYR B 153 -3.78 11.12 -29.03
C TYR B 153 -4.01 12.22 -28.00
N PRO B 154 -4.28 13.46 -28.45
CA PRO B 154 -4.49 14.59 -27.55
C PRO B 154 -5.87 14.53 -26.90
N LEU B 155 -6.09 15.33 -25.85
CA LEU B 155 -7.36 15.32 -25.13
C LEU B 155 -8.51 15.72 -26.04
N SER B 156 -8.25 16.60 -27.01
CA SER B 156 -9.27 17.04 -27.95
C SER B 156 -9.86 15.85 -28.70
N TRP B 157 -9.00 14.90 -29.10
CA TRP B 157 -9.41 13.69 -29.80
C TRP B 157 -10.19 12.77 -28.87
N MET B 158 -9.67 12.61 -27.64
CA MET B 158 -10.26 11.74 -26.63
C MET B 158 -11.65 12.28 -26.25
N LYS B 159 -11.74 13.60 -26.05
CA LYS B 159 -13.01 14.22 -25.71
C LYS B 159 -14.06 13.93 -26.80
N GLU B 160 -13.66 14.07 -28.07
CA GLU B 160 -14.57 13.86 -29.19
C GLU B 160 -15.09 12.42 -29.19
N LYS B 161 -14.20 11.45 -28.93
CA LYS B 161 -14.56 10.05 -28.85
C LYS B 161 -15.50 9.83 -27.67
N ILE B 162 -15.22 10.51 -26.55
CA ILE B 162 -16.00 10.36 -25.33
C ILE B 162 -17.42 10.90 -25.58
N PHE B 163 -17.51 12.03 -26.28
CA PHE B 163 -18.79 12.69 -26.51
C PHE B 163 -19.60 11.96 -27.59
N SER B 164 -18.91 11.28 -28.52
CA SER B 164 -19.59 10.55 -29.58
C SER B 164 -19.98 9.15 -29.14
N GLU B 165 -19.56 8.75 -27.92
CA GLU B 165 -19.81 7.43 -27.37
C GLU B 165 -19.26 6.33 -28.29
N VAL B 166 -18.12 6.63 -28.92
CA VAL B 166 -17.39 5.67 -29.74
C VAL B 166 -16.13 5.32 -28.96
N THR B 167 -15.95 4.02 -28.66
CA THR B 167 -14.79 3.58 -27.91
C THR B 167 -13.52 4.02 -28.64
N PRO B 168 -12.61 4.78 -27.99
CA PRO B 168 -11.31 5.12 -28.59
C PRO B 168 -10.57 3.89 -29.11
N LYS B 169 -10.27 3.90 -30.41
CA LYS B 169 -9.49 2.85 -31.05
C LYS B 169 -8.42 3.51 -31.91
N CYS B 170 -7.27 2.87 -31.99
CA CYS B 170 -6.12 3.39 -32.71
C CYS B 170 -6.37 3.36 -34.22
N GLU B 171 -6.18 4.52 -34.87
CA GLU B 171 -6.39 4.67 -36.30
C GLU B 171 -5.46 3.76 -37.10
N ASP B 172 -4.36 3.31 -36.48
CA ASP B 172 -3.37 2.50 -37.18
C ASP B 172 -3.69 1.01 -37.01
N CYS B 173 -3.70 0.54 -35.75
CA CYS B 173 -3.55 -0.88 -35.48
C CYS B 173 -4.80 -1.49 -34.81
N GLN B 174 -5.84 -0.67 -34.59
CA GLN B 174 -7.15 -1.12 -34.13
C GLN B 174 -7.21 -1.31 -32.60
N SER B 175 -6.07 -1.14 -31.90
CA SER B 175 -6.06 -1.36 -30.46
C SER B 175 -6.87 -0.29 -29.74
N LEU B 176 -7.25 -0.60 -28.49
CA LEU B 176 -7.84 0.34 -27.55
C LEU B 176 -6.87 1.51 -27.33
N VAL B 177 -7.41 2.73 -27.23
CA VAL B 177 -6.64 3.90 -26.84
C VAL B 177 -7.07 4.25 -25.41
N LYS B 178 -6.08 4.37 -24.51
CA LYS B 178 -6.31 4.55 -23.09
C LYS B 178 -5.75 5.92 -22.67
N PRO B 179 -6.47 6.71 -21.85
CA PRO B 179 -5.90 7.92 -21.24
C PRO B 179 -4.70 7.51 -20.39
N ASP B 180 -3.69 8.39 -20.30
CA ASP B 180 -2.42 8.06 -19.66
C ASP B 180 -2.55 8.12 -18.14
N ILE B 181 -3.65 7.59 -17.61
CA ILE B 181 -3.83 7.52 -16.16
C ILE B 181 -3.38 6.14 -15.67
N VAL B 182 -3.00 6.07 -14.40
CA VAL B 182 -2.56 4.83 -13.79
C VAL B 182 -3.79 4.09 -13.27
N PHE B 183 -4.23 3.07 -14.02
CA PHE B 183 -5.34 2.21 -13.61
C PHE B 183 -4.86 1.28 -12.48
N PHE B 184 -5.81 0.81 -11.68
CA PHE B 184 -5.54 -0.27 -10.74
C PHE B 184 -4.88 -1.41 -11.51
N GLY B 185 -3.79 -1.95 -10.95
CA GLY B 185 -3.07 -3.03 -11.59
C GLY B 185 -1.95 -2.54 -12.50
N GLU B 186 -1.78 -1.20 -12.61
CA GLU B 186 -0.66 -0.62 -13.33
C GLU B 186 0.29 0.01 -12.31
N SER B 187 1.56 0.18 -12.68
CA SER B 187 2.56 0.72 -11.78
C SER B 187 2.57 2.25 -11.82
N LEU B 188 3.02 2.88 -10.73
CA LEU B 188 3.30 4.30 -10.72
C LEU B 188 4.37 4.60 -11.77
N PRO B 189 4.37 5.79 -12.41
CA PRO B 189 5.36 6.11 -13.43
C PRO B 189 6.78 6.07 -12.87
N ALA B 190 7.74 5.61 -13.69
CA ALA B 190 9.14 5.57 -13.30
C ALA B 190 9.59 6.95 -12.86
N ARG B 191 9.08 7.98 -13.53
CA ARG B 191 9.39 9.37 -13.26
C ARG B 191 9.20 9.67 -11.77
N PHE B 192 8.14 9.10 -11.18
CA PHE B 192 7.81 9.35 -9.79
C PHE B 192 8.98 8.99 -8.88
N PHE B 193 9.53 7.78 -9.05
CA PHE B 193 10.60 7.30 -8.20
C PHE B 193 11.92 7.98 -8.56
N SER B 194 12.08 8.30 -9.85
CA SER B 194 13.25 9.00 -10.35
C SER B 194 13.42 10.32 -9.61
N CYS B 195 12.41 11.19 -9.76
CA CYS B 195 12.46 12.54 -9.23
C CYS B 195 12.52 12.56 -7.70
N MET B 196 11.82 11.61 -7.07
CA MET B 196 11.69 11.59 -5.61
C MET B 196 13.07 11.59 -4.95
N GLN B 197 13.93 10.66 -5.39
CA GLN B 197 15.26 10.50 -4.84
C GLN B 197 15.99 11.84 -4.83
N SER B 198 16.13 12.43 -6.02
CA SER B 198 16.91 13.63 -6.25
C SER B 198 16.26 14.88 -5.63
N ASP B 199 14.93 15.00 -5.76
CA ASP B 199 14.21 16.17 -5.30
C ASP B 199 14.29 16.28 -3.78
N PHE B 200 14.15 15.14 -3.09
CA PHE B 200 13.96 15.17 -1.65
C PHE B 200 15.27 15.37 -0.91
N LEU B 201 16.33 15.76 -1.63
CA LEU B 201 17.56 16.22 -1.00
C LEU B 201 17.95 17.62 -1.49
N LYS B 202 17.08 18.23 -2.30
CA LYS B 202 17.27 19.61 -2.73
C LYS B 202 16.27 20.51 -2.00
N VAL B 203 15.27 19.91 -1.35
CA VAL B 203 14.06 20.61 -0.97
C VAL B 203 14.27 21.45 0.29
N ASP B 204 13.78 22.70 0.25
CA ASP B 204 13.85 23.61 1.38
C ASP B 204 12.50 23.72 2.09
N LEU B 205 11.41 23.37 1.39
CA LEU B 205 10.06 23.51 1.93
C LEU B 205 9.10 22.57 1.21
N LEU B 206 8.25 21.90 2.01
CA LEU B 206 7.14 21.11 1.49
C LEU B 206 5.82 21.82 1.75
N LEU B 207 5.08 22.05 0.66
CA LEU B 207 3.75 22.63 0.72
C LEU B 207 2.74 21.55 0.33
N VAL B 208 1.98 21.07 1.33
CA VAL B 208 1.09 19.93 1.15
C VAL B 208 -0.35 20.44 1.14
N MET B 209 -1.04 20.26 0.00
CA MET B 209 -2.29 20.97 -0.23
C MET B 209 -3.35 20.01 -0.79
N GLY B 210 -4.50 19.96 -0.11
CA GLY B 210 -5.67 19.24 -0.57
C GLY B 210 -5.49 17.73 -0.54
N THR B 211 -4.67 17.25 0.40
CA THR B 211 -4.49 15.83 0.65
C THR B 211 -4.32 15.61 2.14
N SER B 212 -4.80 14.43 2.60
CA SER B 212 -4.87 14.11 4.03
C SER B 212 -3.63 13.32 4.48
N LEU B 213 -2.81 12.88 3.52
CA LEU B 213 -1.52 12.25 3.76
C LEU B 213 -1.66 10.90 4.47
N GLN B 214 -2.90 10.40 4.58
CA GLN B 214 -3.15 9.08 5.14
C GLN B 214 -3.09 8.06 4.01
N VAL B 215 -2.81 8.56 2.80
CA VAL B 215 -3.04 7.84 1.57
C VAL B 215 -1.79 7.94 0.70
N GLN B 216 -1.48 6.86 -0.03
CA GLN B 216 -0.32 6.80 -0.90
C GLN B 216 -0.55 7.65 -2.14
N PRO B 217 0.53 8.14 -2.78
CA PRO B 217 1.91 7.84 -2.42
C PRO B 217 2.59 8.86 -1.51
N PHE B 218 1.81 9.85 -1.05
CA PHE B 218 2.34 10.99 -0.33
C PHE B 218 2.64 10.67 1.13
N ALA B 219 1.93 9.69 1.69
CA ALA B 219 2.13 9.28 3.08
C ALA B 219 3.61 8.94 3.30
N SER B 220 4.14 8.04 2.46
CA SER B 220 5.52 7.60 2.52
C SER B 220 6.47 8.74 2.18
N LEU B 221 6.09 9.51 1.15
CA LEU B 221 6.92 10.53 0.52
C LEU B 221 7.33 11.58 1.56
N ILE B 222 6.37 11.99 2.40
CA ILE B 222 6.57 13.09 3.34
C ILE B 222 7.57 12.68 4.41
N SER B 223 7.59 11.38 4.76
CA SER B 223 8.44 10.88 5.83
C SER B 223 9.85 10.58 5.32
N LYS B 224 10.07 10.78 4.02
CA LYS B 224 11.33 10.50 3.37
C LYS B 224 12.11 11.79 3.12
N ALA B 225 11.48 12.94 3.38
CA ALA B 225 12.17 14.22 3.28
C ALA B 225 13.13 14.37 4.46
N PRO B 226 14.19 15.20 4.32
CA PRO B 226 15.14 15.44 5.43
C PRO B 226 14.41 16.02 6.64
N LEU B 227 14.93 15.68 7.84
CA LEU B 227 14.24 15.95 9.09
C LEU B 227 14.07 17.45 9.32
N SER B 228 14.95 18.26 8.73
CA SER B 228 14.98 19.70 8.94
C SER B 228 13.95 20.43 8.08
N THR B 229 13.47 19.79 7.01
CA THR B 229 12.66 20.45 6.01
C THR B 229 11.30 20.85 6.60
N PRO B 230 10.97 22.16 6.65
CA PRO B 230 9.65 22.59 7.11
C PRO B 230 8.53 22.13 6.19
N ARG B 231 7.37 21.86 6.79
CA ARG B 231 6.24 21.31 6.06
C ARG B 231 4.98 22.04 6.47
N LEU B 232 4.31 22.65 5.48
CA LEU B 232 3.04 23.33 5.70
C LEU B 232 1.92 22.54 5.02
N LEU B 233 0.87 22.24 5.79
CA LEU B 233 -0.32 21.58 5.27
C LEU B 233 -1.45 22.60 5.18
N ILE B 234 -2.04 22.72 3.98
CA ILE B 234 -3.27 23.49 3.75
C ILE B 234 -4.34 22.52 3.30
N ASN B 235 -5.33 22.28 4.17
CA ASN B 235 -6.30 21.23 3.96
C ASN B 235 -7.53 21.47 4.82
N LYS B 236 -8.68 21.03 4.30
CA LYS B 236 -9.97 21.08 4.98
C LYS B 236 -9.92 20.26 6.27
N GLU B 237 -9.28 19.09 6.21
CA GLU B 237 -9.19 18.18 7.33
C GLU B 237 -7.75 18.09 7.84
N LYS B 238 -7.57 17.47 9.01
CA LYS B 238 -6.25 17.22 9.58
C LYS B 238 -5.55 16.10 8.80
N ALA B 239 -4.23 16.00 8.98
CA ALA B 239 -3.41 15.00 8.31
C ALA B 239 -3.85 13.59 8.73
N GLY B 241 -2.06 10.72 7.90
CA GLY B 241 -0.82 10.05 8.29
C GLY B 241 0.41 10.86 7.89
N GLY B 242 1.49 10.14 7.51
CA GLY B 242 2.73 10.75 7.07
C GLY B 242 3.74 10.94 8.21
N GLY B 243 3.23 10.92 9.45
CA GLY B 243 4.06 11.05 10.64
C GLY B 243 4.41 12.51 10.94
N MET B 244 3.44 13.40 10.76
CA MET B 244 3.62 14.82 11.03
C MET B 244 3.33 15.10 12.50
N ASP B 245 3.93 16.19 13.03
CA ASP B 245 3.77 16.57 14.42
C ASP B 245 3.54 18.08 14.50
N PHE B 246 2.26 18.46 14.65
CA PHE B 246 1.89 19.86 14.68
C PHE B 246 1.85 20.39 16.12
N ASP B 247 1.50 19.50 17.07
CA ASP B 247 0.87 19.92 18.31
C ASP B 247 1.66 19.55 19.56
N SER B 248 2.54 18.54 19.48
CA SER B 248 3.24 18.07 20.66
C SER B 248 4.29 19.09 21.12
N LYS B 249 4.85 18.86 22.31
CA LYS B 249 5.89 19.71 22.89
C LYS B 249 7.16 19.61 22.07
N LYS B 250 7.22 18.59 21.20
CA LYS B 250 8.38 18.30 20.38
C LYS B 250 8.19 18.83 18.95
N ALA B 251 7.05 19.47 18.68
CA ALA B 251 6.82 20.02 17.35
C ALA B 251 7.90 21.06 17.03
N TYR B 252 8.45 20.99 15.81
CA TYR B 252 9.57 21.85 15.46
C TYR B 252 9.54 22.35 14.03
N ARG B 253 8.67 21.78 13.16
CA ARG B 253 8.82 22.09 11.75
C ARG B 253 7.52 22.01 10.95
N ASP B 254 6.45 21.50 11.58
CA ASP B 254 5.20 21.24 10.88
C ASP B 254 4.16 22.30 11.23
N VAL B 255 3.45 22.79 10.20
CA VAL B 255 2.45 23.84 10.34
C VAL B 255 1.20 23.39 9.58
N ALA B 256 0.04 23.51 10.23
CA ALA B 256 -1.24 23.18 9.63
C ALA B 256 -2.11 24.43 9.51
N TRP B 257 -2.71 24.60 8.32
CA TRP B 257 -3.74 25.61 8.09
C TRP B 257 -5.02 24.89 7.68
N LEU B 258 -6.06 24.99 8.52
CA LEU B 258 -7.28 24.23 8.34
C LEU B 258 -8.33 25.10 7.67
N GLY B 259 -8.74 24.70 6.46
CA GLY B 259 -9.70 25.42 5.65
C GLY B 259 -9.57 25.05 4.17
N GLU B 260 -10.30 25.78 3.31
CA GLU B 260 -10.26 25.53 1.87
C GLU B 260 -8.89 25.91 1.32
N CYS B 261 -8.44 25.16 0.31
CA CYS B 261 -7.11 25.37 -0.24
C CYS B 261 -6.97 26.77 -0.83
N ASP B 262 -8.02 27.24 -1.53
CA ASP B 262 -8.01 28.56 -2.12
C ASP B 262 -7.75 29.61 -1.03
N GLN B 263 -8.52 29.52 0.07
CA GLN B 263 -8.51 30.52 1.12
C GLN B 263 -7.15 30.53 1.82
N GLY B 264 -6.58 29.33 2.03
CA GLY B 264 -5.25 29.19 2.60
C GLY B 264 -4.18 29.80 1.70
N CYS B 265 -4.30 29.54 0.39
CA CYS B 265 -3.33 30.07 -0.56
C CYS B 265 -3.42 31.60 -0.61
N LEU B 266 -4.64 32.14 -0.53
CA LEU B 266 -4.85 33.58 -0.49
C LEU B 266 -4.22 34.18 0.78
N ALA B 267 -4.38 33.49 1.91
CA ALA B 267 -3.84 33.95 3.18
C ALA B 267 -2.31 33.95 3.13
N LEU B 268 -1.73 32.90 2.54
CA LEU B 268 -0.29 32.79 2.45
C LEU B 268 0.25 33.85 1.48
N ALA B 269 -0.46 34.03 0.35
CA ALA B 269 -0.09 35.03 -0.64
C ALA B 269 -0.07 36.43 -0.01
N GLU B 270 -1.08 36.71 0.82
CA GLU B 270 -1.25 37.97 1.54
C GLU B 270 0.03 38.31 2.30
N LEU B 271 0.47 37.36 3.14
CA LEU B 271 1.63 37.54 4.00
C LEU B 271 2.91 37.71 3.18
N LEU B 272 2.92 37.15 1.96
CA LEU B 272 4.10 37.23 1.10
C LEU B 272 4.07 38.54 0.31
N GLY B 273 2.94 39.25 0.39
CA GLY B 273 2.70 40.44 -0.41
C GLY B 273 2.38 40.11 -1.87
N TRP B 274 1.76 38.93 -2.10
CA TRP B 274 1.48 38.45 -3.44
C TRP B 274 -0.01 38.46 -3.76
N LYS B 275 -0.86 38.94 -2.82
CA LYS B 275 -2.29 38.72 -2.96
C LYS B 275 -2.83 39.34 -4.25
N LYS B 276 -2.42 40.59 -4.53
CA LYS B 276 -2.94 41.29 -5.70
C LYS B 276 -2.50 40.57 -6.97
N GLU B 277 -1.20 40.27 -7.05
CA GLU B 277 -0.61 39.57 -8.18
C GLU B 277 -1.38 38.27 -8.44
N LEU B 278 -1.78 37.58 -7.36
CA LEU B 278 -2.46 36.30 -7.48
C LEU B 278 -3.88 36.49 -7.98
N GLU B 279 -4.61 37.44 -7.36
CA GLU B 279 -5.99 37.67 -7.72
C GLU B 279 -6.09 38.14 -9.18
N ASP B 280 -5.11 38.93 -9.60
CA ASP B 280 -5.02 39.46 -10.96
C ASP B 280 -4.78 38.31 -11.94
N LEU B 281 -3.82 37.44 -11.59
CA LEU B 281 -3.48 36.29 -12.42
C LEU B 281 -4.70 35.38 -12.61
N VAL B 282 -5.42 35.08 -11.52
CA VAL B 282 -6.58 34.21 -11.58
C VAL B 282 -7.60 34.81 -12.55
N ARG B 283 -7.81 36.13 -12.43
CA ARG B 283 -8.83 36.83 -13.20
C ARG B 283 -8.45 36.79 -14.68
N ARG B 284 -7.21 37.17 -14.98
CA ARG B 284 -6.64 37.21 -16.32
C ARG B 284 -6.75 35.85 -16.99
N GLU B 285 -6.29 34.79 -16.31
CA GLU B 285 -6.21 33.48 -16.92
C GLU B 285 -7.62 32.88 -17.10
N HIS B 286 -8.52 33.16 -16.15
CA HIS B 286 -9.91 32.72 -16.28
C HIS B 286 -10.58 33.39 -17.47
N ALA B 287 -10.27 34.69 -17.67
CA ALA B 287 -10.82 35.46 -18.77
C ALA B 287 -10.30 34.91 -20.10
N SER B 288 -9.00 34.57 -20.14
CA SER B 288 -8.35 33.96 -21.28
C SER B 288 -9.06 32.66 -21.68
N ILE B 289 -9.39 31.82 -20.67
CA ILE B 289 -10.03 30.53 -20.91
C ILE B 289 -11.44 30.76 -21.46
N ASP B 290 -12.14 31.75 -20.91
CA ASP B 290 -13.49 32.12 -21.34
C ASP B 290 -13.48 32.53 -22.81
N ALA B 291 -12.48 33.31 -23.21
CA ALA B 291 -12.38 33.85 -24.55
C ALA B 291 -12.12 32.74 -25.57
N GLN B 292 -11.51 31.63 -25.14
CA GLN B 292 -11.11 30.56 -26.04
C GLN B 292 -12.04 29.36 -25.94
N SER B 293 -12.87 29.32 -24.88
CA SER B 293 -13.81 28.22 -24.65
C SER B 293 -15.13 28.51 -25.38
#